data_7JUY
#
_entry.id   7JUY
#
_cell.length_a   136.000
_cell.length_b   136.000
_cell.length_c   219.000
_cell.angle_alpha   90.00
_cell.angle_beta   90.00
_cell.angle_gamma   120.00
#
_symmetry.space_group_name_H-M   'P 61 2 2'
#
loop_
_entity.id
_entity.type
_entity.pdbx_description
1 polymer 'Kinase suppressor of Ras 1'
2 polymer 'Dual specificity mitogen-activated protein kinase kinase 1'
3 non-polymer 'PHOSPHOAMINOPHOSPHONIC ACID-ADENYLATE ESTER'
4 non-polymer 'MAGNESIUM ION'
5 non-polymer [3,4-BIS(FLUORANYL)-2-[(2-FLUORANYL-4-IODANYL-PHENYL)AMINO]PHENYL]-[3-OXIDANYL-3-[(2S)-PIPERIDIN-2-YL]AZETIDIN-1-YL]METHANONE
6 water water
#
loop_
_entity_poly.entity_id
_entity_poly.type
_entity_poly.pdbx_seq_one_letter_code
_entity_poly.pdbx_strand_id
1 'polypeptide(L)'
;MSYYHHHHHHDYDIPTTENLYFQGAPISRKASQTSVYLQEWDIPFEQVELGEPIGQGRWGRVHRGRWHGEVAIRLLEMDG
HNQDHLKLFKKEVMNYRQTRHENVVLFMGACMNPPHLAIITSFCKGRTLHSFVRDPKTSLDINKTRQIAQEIIKGMGYLH
AKGIVHKDLKSKNVFYDNGKVVITDFGLFGISGVVREGRRENQLKLSHDWLCYLAPEIVREMTPGKDEDQLPFSKAADVY
AFGTVWYELQARDWPLKNQAAEASIWQIGSGEGMKRVLTSVSLGKEVSEILSACWAFDLQERPSFSLLMDMLEKLPKLNR
RLSHPGHFWKSAEI
;
B
2 'polypeptide(L)'
;MSYYHHHHHHDYDIPTTENLYFQGAKKLEELELDEQQRKRLEAFLTQKQKVGELKDDDFEKISELGAGNGGVVFKVSHKP
SGLVMARKLIHLEIKPAIRNQIIRELQVLHECNSPYIVGFYGAFYSDGEISICMEHMDGGSLDQVLKKAGRIPEQILGKV
SIAVIKGLTYLREKHKIMHRDVKPSNILVNSRGEIKLCDFGVSGQLIDSMANSFVGTRSYMSPERLQGTHYSVQSDIWSM
GLSLVEMAVGRYPIPPPDAKELELMFGCQVEGDAAETPPRPRTPGRPLSSYGMDSRPPMAIFELLDYIVNEPPPKLPSAV
FSLEFQDFVNKCLIKNPAERADLKQLMVHAFIKRSDAEEVDFAGWLCSTIGLNQPSTPTHAAGV
;
C
#
# COMPACT_ATOMS: atom_id res chain seq x y z
N VAL A 36 34.35 8.26 11.96
CA VAL A 36 33.97 9.20 13.01
C VAL A 36 33.82 8.49 14.36
N TYR A 37 34.66 8.90 15.30
CA TYR A 37 34.70 8.39 16.67
C TYR A 37 34.11 9.38 17.67
N LEU A 38 33.37 10.37 17.14
CA LEU A 38 32.57 11.37 17.86
C LEU A 38 33.43 12.43 18.53
N GLN A 39 34.69 12.13 18.85
CA GLN A 39 35.60 13.17 19.32
C GLN A 39 36.17 14.04 18.20
N GLU A 40 35.85 13.72 16.94
CA GLU A 40 36.29 14.49 15.78
C GLU A 40 35.36 15.64 15.48
N TRP A 41 34.44 15.95 16.39
CA TRP A 41 33.42 16.94 16.14
C TRP A 41 33.66 18.13 17.06
N ASP A 42 33.18 19.29 16.63
CA ASP A 42 33.47 20.53 17.33
C ASP A 42 32.65 20.65 18.62
N ILE A 43 31.67 19.77 18.78
CA ILE A 43 30.89 19.68 20.01
C ILE A 43 31.69 18.90 21.03
N PRO A 44 32.01 19.52 22.16
CA PRO A 44 32.72 18.83 23.22
C PRO A 44 31.86 17.70 23.75
N PHE A 45 32.46 16.51 23.81
CA PHE A 45 31.72 15.33 24.21
C PHE A 45 32.51 14.56 25.25
N GLU A 46 31.87 14.39 26.41
CA GLU A 46 32.29 13.55 27.52
C GLU A 46 31.60 12.19 27.55
N GLN A 47 30.28 12.16 27.31
CA GLN A 47 29.47 10.96 27.49
C GLN A 47 28.07 11.27 26.99
N VAL A 48 27.42 10.30 26.35
CA VAL A 48 26.03 10.45 25.95
C VAL A 48 25.22 9.21 26.29
N GLU A 49 24.02 9.41 26.87
CA GLU A 49 23.22 8.34 27.44
C GLU A 49 21.92 8.16 26.65
N LEU A 50 21.52 6.92 26.38
CA LEU A 50 20.26 6.67 25.70
C LEU A 50 19.09 6.86 26.67
N GLY A 51 18.00 7.45 26.19
CA GLY A 51 16.78 7.51 26.96
C GLY A 51 15.72 6.70 26.24
N GLU A 52 14.45 6.98 26.54
CA GLU A 52 13.35 6.20 25.97
C GLU A 52 13.29 6.37 24.46
N PRO A 53 12.85 5.35 23.73
CA PRO A 53 12.65 5.51 22.28
C PRO A 53 11.44 6.39 21.99
N ILE A 54 11.44 6.99 20.80
CA ILE A 54 10.37 7.91 20.42
C ILE A 54 10.02 7.74 18.95
N GLY A 55 9.89 6.49 18.51
CA GLY A 55 9.44 6.21 17.16
C GLY A 55 10.44 5.44 16.32
N GLN A 56 9.95 4.47 15.55
CA GLN A 56 10.75 3.73 14.60
C GLN A 56 10.46 4.18 13.18
N GLY A 57 11.23 3.63 12.25
CA GLY A 57 11.08 3.97 10.84
C GLY A 57 12.05 3.18 9.99
N ARG A 58 12.04 3.50 8.69
CA ARG A 58 12.88 2.81 7.72
C ARG A 58 14.36 2.92 8.00
N TRP A 59 14.78 3.96 8.73
CA TRP A 59 16.20 4.21 8.99
C TRP A 59 16.41 4.14 10.49
N GLY A 60 16.54 2.91 10.99
CA GLY A 60 16.88 2.72 12.37
C GLY A 60 15.83 3.24 13.35
N ARG A 61 16.23 3.25 14.61
CA ARG A 61 15.37 3.64 15.71
C ARG A 61 15.89 4.91 16.34
N VAL A 62 14.96 5.82 16.66
CA VAL A 62 15.29 7.14 17.17
C VAL A 62 14.95 7.14 18.66
N HIS A 63 15.95 7.36 19.49
CA HIS A 63 15.76 7.49 20.92
C HIS A 63 15.87 8.94 21.34
N ARG A 64 15.25 9.23 22.48
CA ARG A 64 15.51 10.47 23.18
C ARG A 64 16.75 10.23 24.01
N GLY A 65 17.50 11.29 24.24
CA GLY A 65 18.73 11.09 24.98
C GLY A 65 19.19 12.38 25.62
N ARG A 66 20.17 12.23 26.49
CA ARG A 66 20.82 13.37 27.11
C ARG A 66 22.25 13.43 26.60
N TRP A 67 22.58 14.52 25.90
CA TRP A 67 23.97 14.91 25.79
C TRP A 67 24.30 15.37 27.18
N HIS A 68 24.47 19.88 29.71
CA HIS A 68 23.47 18.86 29.66
C HIS A 68 22.36 19.39 28.78
N GLY A 69 21.98 18.60 27.79
CA GLY A 69 20.96 19.01 26.85
C GLY A 69 20.28 17.77 26.32
N GLU A 70 19.05 17.93 25.88
CA GLU A 70 18.35 16.81 25.28
C GLU A 70 18.77 16.70 23.82
N VAL A 71 18.80 15.47 23.31
CA VAL A 71 19.23 15.21 21.95
C VAL A 71 18.39 14.09 21.38
N ALA A 72 18.43 13.96 20.08
CA ALA A 72 17.81 12.83 19.41
C ALA A 72 18.91 11.97 18.83
N ILE A 73 18.82 10.67 19.07
CA ILE A 73 19.87 9.74 18.72
C ILE A 73 19.25 8.69 17.81
N ARG A 74 19.73 8.61 16.58
CA ARG A 74 19.21 7.66 15.61
C ARG A 74 20.22 6.52 15.48
N LEU A 75 19.76 5.31 15.71
CA LEU A 75 20.62 4.13 15.67
C LEU A 75 20.40 3.45 14.32
N LEU A 76 21.49 3.28 13.58
CA LEU A 76 21.47 2.65 12.27
C LEU A 76 22.44 1.46 12.30
N GLU A 77 22.21 0.51 11.39
CA GLU A 77 23.17 -0.56 11.18
C GLU A 77 23.42 -0.77 9.71
N MET A 78 24.70 -1.00 9.37
CA MET A 78 25.09 -1.05 7.98
C MET A 78 25.23 -2.52 7.59
N ASP A 79 24.19 -3.05 6.96
CA ASP A 79 24.31 -4.33 6.27
C ASP A 79 25.41 -4.27 5.23
N GLY A 80 25.38 -3.24 4.38
CA GLY A 80 26.08 -3.09 3.11
C GLY A 80 27.53 -3.49 3.19
N HIS A 81 28.23 -3.08 4.26
CA HIS A 81 29.62 -3.46 4.55
C HIS A 81 30.63 -3.08 3.49
N ASN A 82 30.32 -3.36 2.21
CA ASN A 82 31.20 -2.89 1.16
C ASN A 82 31.48 -1.43 1.48
N GLN A 83 32.77 -1.18 1.71
CA GLN A 83 33.28 0.06 2.32
C GLN A 83 32.91 1.27 1.49
N ASP A 84 32.29 1.04 0.34
CA ASP A 84 31.72 2.12 -0.45
C ASP A 84 30.56 2.80 0.28
N HIS A 85 29.69 2.03 0.92
CA HIS A 85 28.58 2.61 1.67
C HIS A 85 29.07 3.48 2.84
N LEU A 86 30.04 2.95 3.60
CA LEU A 86 30.61 3.72 4.72
C LEU A 86 31.40 4.93 4.24
N LYS A 87 31.97 4.85 3.03
CA LYS A 87 32.65 6.01 2.46
C LYS A 87 31.65 7.13 2.22
N LEU A 88 30.51 6.79 1.62
CA LEU A 88 29.48 7.80 1.41
C LEU A 88 28.94 8.30 2.75
N PHE A 89 28.77 7.40 3.71
CA PHE A 89 28.33 7.83 5.03
C PHE A 89 29.30 8.83 5.64
N LYS A 90 30.61 8.51 5.64
CA LYS A 90 31.61 9.46 6.13
C LYS A 90 31.58 10.80 5.41
N LYS A 91 31.47 10.79 4.08
CA LYS A 91 31.42 12.04 3.34
C LYS A 91 30.24 12.88 3.81
N GLU A 92 29.04 12.29 3.81
CA GLU A 92 27.82 13.02 4.16
C GLU A 92 27.83 13.49 5.62
N VAL A 93 28.43 12.73 6.54
CA VAL A 93 28.36 13.17 7.94
C VAL A 93 29.28 14.36 8.15
N MET A 94 30.42 14.41 7.46
CA MET A 94 31.28 15.59 7.56
C MET A 94 30.75 16.74 6.73
N ASN A 95 29.93 16.46 5.73
CA ASN A 95 29.26 17.56 5.03
C ASN A 95 28.25 18.24 5.94
N TYR A 96 27.52 17.45 6.74
CA TYR A 96 26.56 18.00 7.69
C TYR A 96 27.23 18.76 8.82
N ARG A 97 28.50 18.47 9.10
CA ARG A 97 29.21 19.22 10.13
C ARG A 97 29.22 20.70 9.80
N GLN A 98 29.36 21.04 8.51
CA GLN A 98 29.53 22.42 8.09
C GLN A 98 28.24 23.24 8.18
N THR A 99 27.14 22.66 8.68
CA THR A 99 25.84 23.31 8.71
C THR A 99 25.52 23.87 10.08
N ARG A 100 24.89 25.05 10.10
CA ARG A 100 24.33 25.65 11.31
C ARG A 100 23.40 26.79 10.92
N HIS A 101 22.15 26.74 11.35
CA HIS A 101 21.13 27.68 10.89
C HIS A 101 19.91 27.50 11.77
N GLU A 102 19.29 28.62 12.15
CA GLU A 102 18.24 28.60 13.16
C GLU A 102 16.95 27.92 12.69
N ASN A 103 16.82 27.60 11.41
CA ASN A 103 15.66 26.88 10.93
C ASN A 103 15.97 25.43 10.58
N VAL A 104 17.23 25.04 10.63
CA VAL A 104 17.67 23.66 10.41
C VAL A 104 18.08 23.08 11.76
N VAL A 105 17.63 21.86 12.05
CA VAL A 105 18.06 21.19 13.27
C VAL A 105 19.57 21.11 13.30
N LEU A 106 20.14 21.26 14.49
CA LEU A 106 21.60 21.25 14.63
C LEU A 106 22.11 19.82 14.57
N PHE A 107 22.92 19.53 13.55
CA PHE A 107 23.69 18.30 13.51
C PHE A 107 24.86 18.41 14.47
N MET A 108 24.99 17.42 15.36
CA MET A 108 26.02 17.43 16.39
C MET A 108 27.10 16.40 16.14
N GLY A 109 26.76 15.11 16.07
CA GLY A 109 27.78 14.10 15.95
C GLY A 109 27.26 12.90 15.19
N ALA A 110 28.22 12.05 14.84
CA ALA A 110 27.95 10.74 14.26
C ALA A 110 29.16 9.89 14.59
N CYS A 111 28.92 8.68 15.05
CA CYS A 111 29.99 7.72 15.24
C CYS A 111 29.64 6.42 14.54
N MET A 112 30.68 5.73 14.10
CA MET A 112 30.54 4.52 13.28
C MET A 112 31.51 3.46 13.81
N ASN A 113 30.96 2.51 14.54
CA ASN A 113 31.59 1.26 14.91
C ASN A 113 30.89 0.19 14.09
N PRO A 114 31.30 0.04 12.82
CA PRO A 114 30.52 -0.73 11.85
C PRO A 114 30.31 -2.16 12.31
N PRO A 115 29.11 -2.73 12.09
CA PRO A 115 28.01 -2.19 11.30
C PRO A 115 27.15 -1.16 12.03
N HIS A 116 27.43 -0.91 13.31
CA HIS A 116 26.57 -0.05 14.11
C HIS A 116 26.99 1.40 13.98
N LEU A 117 26.02 2.27 13.71
CA LEU A 117 26.26 3.69 13.53
C LEU A 117 25.18 4.47 14.28
N ALA A 118 25.50 5.71 14.59
CA ALA A 118 24.58 6.56 15.32
C ALA A 118 24.70 8.00 14.84
N ILE A 119 23.55 8.66 14.70
CA ILE A 119 23.49 10.06 14.29
C ILE A 119 22.77 10.82 15.40
N ILE A 120 23.41 11.87 15.88
CA ILE A 120 22.96 12.62 17.06
C ILE A 120 22.66 14.06 16.65
N THR A 121 21.41 14.47 16.80
CA THR A 121 20.99 15.83 16.54
C THR A 121 20.38 16.43 17.80
N SER A 122 20.17 17.75 17.76
CA SER A 122 19.53 18.41 18.87
C SER A 122 18.08 17.98 18.96
N PHE A 123 17.59 17.79 20.18
CA PHE A 123 16.22 17.38 20.39
C PHE A 123 15.30 18.59 20.25
N CYS A 124 14.18 18.40 19.57
CA CYS A 124 13.24 19.47 19.29
C CYS A 124 12.08 19.36 20.26
N LYS A 125 11.99 20.31 21.19
CA LYS A 125 10.77 20.45 21.96
C LYS A 125 9.66 21.00 21.07
N GLY A 126 8.44 20.88 21.54
CA GLY A 126 7.30 21.30 20.75
C GLY A 126 6.81 20.17 19.88
N ARG A 127 5.88 20.53 19.00
CA ARG A 127 5.10 19.58 18.23
C ARG A 127 5.49 19.59 16.76
N THR A 128 5.34 18.44 16.12
CA THR A 128 5.51 18.37 14.67
C THR A 128 4.46 19.22 13.97
N LEU A 129 4.88 19.93 12.92
CA LEU A 129 3.93 20.73 12.14
C LEU A 129 2.77 19.88 11.63
N HIS A 130 3.03 18.60 11.33
CA HIS A 130 1.98 17.68 10.89
C HIS A 130 0.84 17.65 11.89
N SER A 131 1.14 17.22 13.13
CA SER A 131 0.13 17.21 14.18
C SER A 131 -0.29 18.60 14.61
N PHE A 132 0.44 19.65 14.20
CA PHE A 132 0.12 21.00 14.64
C PHE A 132 -1.01 21.61 13.82
N VAL A 133 -0.99 21.42 12.49
CA VAL A 133 -2.08 21.93 11.67
C VAL A 133 -3.35 21.12 11.92
N ARG A 134 -3.21 19.86 12.34
CA ARG A 134 -4.36 19.00 12.52
C ARG A 134 -5.02 19.18 13.89
N ASP A 135 -4.61 20.17 14.67
CA ASP A 135 -5.20 20.35 15.98
C ASP A 135 -6.45 21.22 15.85
N PRO A 136 -7.56 20.83 16.49
CA PRO A 136 -8.71 21.74 16.64
C PRO A 136 -8.31 23.11 17.17
N LYS A 137 -7.67 23.14 18.34
CA LYS A 137 -7.40 24.38 19.05
C LYS A 137 -6.48 25.31 18.26
N THR A 138 -5.75 24.78 17.27
CA THR A 138 -4.81 25.60 16.52
C THR A 138 -5.56 26.56 15.61
N SER A 139 -5.04 27.79 15.53
CA SER A 139 -5.65 28.88 14.80
C SER A 139 -4.65 29.30 13.74
N LEU A 140 -4.74 28.71 12.55
CA LEU A 140 -3.95 29.18 11.43
C LEU A 140 -4.70 30.27 10.70
N ASP A 141 -3.95 31.14 10.03
CA ASP A 141 -4.55 32.25 9.30
C ASP A 141 -3.62 32.67 8.18
N ILE A 142 -4.12 33.59 7.33
CA ILE A 142 -3.37 34.03 6.16
C ILE A 142 -2.01 34.62 6.52
N ASN A 143 -1.84 35.04 7.77
CA ASN A 143 -0.57 35.58 8.24
C ASN A 143 0.33 34.48 8.79
N LYS A 144 -0.14 33.79 9.84
CA LYS A 144 0.63 32.73 10.48
C LYS A 144 1.17 31.71 9.48
N THR A 145 0.36 31.32 8.49
CA THR A 145 0.81 30.37 7.48
C THR A 145 1.98 30.92 6.67
N ARG A 146 1.88 32.18 6.22
CA ARG A 146 2.98 32.76 5.46
C ARG A 146 4.25 32.82 6.31
N GLN A 147 4.12 33.16 7.59
CA GLN A 147 5.28 33.27 8.45
C GLN A 147 5.97 31.93 8.62
N ILE A 148 5.22 30.90 8.98
CA ILE A 148 5.75 29.54 9.10
C ILE A 148 6.39 29.11 7.79
N ALA A 149 5.74 29.38 6.66
CA ALA A 149 6.28 29.00 5.37
C ALA A 149 7.61 29.69 5.11
N GLN A 150 7.73 30.97 5.47
CA GLN A 150 8.97 31.70 5.24
C GLN A 150 10.10 31.13 6.10
N GLU A 151 9.78 30.73 7.33
CA GLU A 151 10.76 30.03 8.15
C GLU A 151 11.27 28.78 7.44
N ILE A 152 10.36 27.93 6.98
CA ILE A 152 10.75 26.71 6.29
C ILE A 152 11.58 27.01 5.05
N ILE A 153 11.23 28.08 4.34
CA ILE A 153 11.94 28.41 3.12
C ILE A 153 13.36 28.87 3.42
N LYS A 154 13.54 29.68 4.47
CA LYS A 154 14.88 30.07 4.88
C LYS A 154 15.74 28.85 5.18
N GLY A 155 15.19 27.90 5.94
CA GLY A 155 15.95 26.70 6.28
C GLY A 155 16.35 25.91 5.04
N MET A 156 15.39 25.67 4.16
CA MET A 156 15.68 24.93 2.93
C MET A 156 16.66 25.69 2.05
N GLY A 157 16.56 27.02 2.02
CA GLY A 157 17.49 27.81 1.22
C GLY A 157 18.93 27.69 1.68
N TYR A 158 19.17 27.75 2.99
CA TYR A 158 20.51 27.48 3.52
C TYR A 158 20.98 26.11 3.05
N LEU A 159 20.23 25.06 3.40
CA LEU A 159 20.61 23.70 3.06
C LEU A 159 20.94 23.57 1.58
N HIS A 160 20.19 24.27 0.73
CA HIS A 160 20.43 24.19 -0.70
C HIS A 160 21.70 24.95 -1.08
N ALA A 161 21.94 26.09 -0.43
CA ALA A 161 23.13 26.88 -0.71
C ALA A 161 24.40 26.06 -0.49
N LYS A 162 24.47 25.34 0.63
CA LYS A 162 25.58 24.43 0.90
C LYS A 162 25.49 23.12 0.10
N GLY A 163 24.54 23.01 -0.83
CA GLY A 163 24.46 21.85 -1.69
C GLY A 163 23.96 20.56 -1.06
N ILE A 164 23.23 20.65 0.05
CA ILE A 164 22.61 19.49 0.66
C ILE A 164 21.15 19.44 0.24
N VAL A 165 20.72 18.30 -0.28
CA VAL A 165 19.32 18.07 -0.65
C VAL A 165 18.67 17.33 0.50
N HIS A 166 17.48 17.79 0.91
CA HIS A 166 16.80 17.17 2.04
C HIS A 166 16.40 15.73 1.74
N LYS A 167 15.73 15.51 0.61
CA LYS A 167 15.26 14.22 0.12
C LYS A 167 14.14 13.63 0.98
N ASP A 168 13.65 14.35 1.99
CA ASP A 168 12.58 13.83 2.84
C ASP A 168 11.86 14.95 3.59
N LEU A 169 11.68 16.09 2.94
CA LEU A 169 10.88 17.16 3.54
C LEU A 169 9.41 16.74 3.61
N LYS A 170 8.81 16.87 4.80
CA LYS A 170 7.40 16.61 4.97
C LYS A 170 6.99 17.28 6.27
N SER A 171 5.69 17.28 6.52
CA SER A 171 5.17 18.00 7.66
C SER A 171 5.65 17.36 8.96
N LYS A 172 5.82 16.02 8.98
CA LYS A 172 6.28 15.33 10.18
C LYS A 172 7.76 15.55 10.48
N ASN A 173 8.52 16.10 9.53
CA ASN A 173 9.93 16.42 9.75
C ASN A 173 10.15 17.92 9.88
N VAL A 174 9.14 18.63 10.42
CA VAL A 174 9.27 20.03 10.77
C VAL A 174 8.63 20.22 12.15
N PHE A 175 9.34 20.90 13.04
CA PHE A 175 8.91 21.06 14.42
C PHE A 175 8.59 22.51 14.68
N TYR A 176 7.53 22.76 15.45
CA TYR A 176 7.04 24.10 15.75
C TYR A 176 6.90 24.21 17.25
N ASP A 177 7.71 25.06 17.86
CA ASP A 177 7.67 25.35 19.29
C ASP A 177 7.59 26.85 19.49
N ASN A 178 6.45 27.32 19.99
CA ASN A 178 6.12 28.75 20.06
C ASN A 178 6.37 29.43 18.72
N GLY A 179 7.29 30.40 18.66
CA GLY A 179 7.52 31.09 17.39
C GLY A 179 8.37 30.34 16.39
N LYS A 180 9.18 29.40 16.84
CA LYS A 180 10.30 28.90 16.06
C LYS A 180 9.98 27.58 15.35
N VAL A 181 10.55 27.46 14.16
CA VAL A 181 10.27 26.38 13.22
C VAL A 181 11.60 25.77 12.80
N VAL A 182 11.70 24.45 12.91
CA VAL A 182 12.96 23.73 12.74
C VAL A 182 12.74 22.51 11.85
N ILE A 183 13.62 22.34 10.85
CA ILE A 183 13.57 21.20 9.93
C ILE A 183 14.47 20.09 10.47
N THR A 184 13.96 18.85 10.46
CA THR A 184 14.75 17.70 10.91
C THR A 184 14.99 16.70 9.79
N ASP A 185 15.79 15.67 10.11
CA ASP A 185 15.87 14.43 9.32
C ASP A 185 16.27 14.68 7.87
N PHE A 186 17.17 15.63 7.64
CA PHE A 186 17.58 15.96 6.28
C PHE A 186 18.79 15.14 5.84
N GLY A 187 18.98 15.09 4.52
CA GLY A 187 20.05 14.33 3.91
C GLY A 187 20.03 12.83 4.12
N LEU A 188 19.14 12.36 4.99
CA LEU A 188 19.24 11.02 5.56
C LEU A 188 18.92 9.91 4.56
N PHE A 189 18.18 10.21 3.49
CA PHE A 189 17.81 9.19 2.52
C PHE A 189 18.98 8.70 1.65
N GLY A 190 20.14 9.36 1.72
CA GLY A 190 21.27 9.03 0.88
C GLY A 190 22.08 7.82 1.31
N ILE A 191 21.72 7.24 2.45
CA ILE A 191 22.51 6.20 3.08
C ILE A 191 21.88 4.85 2.76
N SER A 192 22.62 3.77 3.05
CA SER A 192 22.32 2.44 2.51
C SER A 192 22.45 1.40 3.63
N GLY A 193 21.63 1.57 4.68
CA GLY A 193 21.57 0.62 5.75
C GLY A 193 20.35 -0.29 5.64
N VAL A 194 20.23 -1.21 6.60
CA VAL A 194 19.09 -2.12 6.63
C VAL A 194 17.80 -1.31 6.60
N VAL A 195 16.83 -1.78 5.81
CA VAL A 195 15.50 -1.17 5.81
C VAL A 195 14.45 -2.16 6.35
N GLU A 201 10.84 -7.59 0.52
CA GLU A 201 10.96 -8.54 -0.56
C GLU A 201 10.91 -7.88 -1.94
N ASN A 202 10.37 -8.60 -2.92
CA ASN A 202 10.00 -8.01 -4.20
C ASN A 202 8.51 -7.65 -4.23
N GLN A 203 8.11 -6.90 -3.22
CA GLN A 203 6.92 -6.06 -3.22
C GLN A 203 7.32 -4.66 -2.74
N LEU A 204 6.35 -3.76 -2.61
CA LEU A 204 6.61 -2.45 -2.03
C LEU A 204 5.64 -2.18 -0.91
N LYS A 205 6.06 -1.38 0.08
CA LYS A 205 5.13 -0.85 1.07
C LYS A 205 5.40 0.64 1.24
N LEU A 206 4.42 1.48 0.88
CA LEU A 206 4.61 2.93 0.87
C LEU A 206 3.52 3.58 1.70
N SER A 207 3.91 4.23 2.79
CA SER A 207 2.96 5.01 3.57
C SER A 207 2.32 6.08 2.70
N HIS A 208 1.08 6.42 3.02
CA HIS A 208 0.36 7.40 2.23
C HIS A 208 0.86 8.81 2.48
N ASP A 209 1.03 9.18 3.75
CA ASP A 209 1.55 10.49 4.11
C ASP A 209 2.81 10.83 3.32
N TRP A 210 3.71 9.86 3.15
CA TRP A 210 4.94 10.12 2.42
C TRP A 210 4.65 10.45 0.96
N LEU A 211 3.84 9.62 0.29
CA LEU A 211 3.62 9.76 -1.15
C LEU A 211 3.00 11.10 -1.51
N CYS A 212 2.18 11.67 -0.63
CA CYS A 212 1.63 13.00 -0.87
C CYS A 212 2.71 14.04 -1.11
N TYR A 213 3.88 13.87 -0.49
CA TYR A 213 4.99 14.80 -0.60
C TYR A 213 5.93 14.49 -1.77
N LEU A 214 5.65 13.45 -2.55
CA LEU A 214 6.56 13.00 -3.59
C LEU A 214 6.18 13.59 -4.94
N ALA A 215 7.20 14.07 -5.65
CA ALA A 215 7.01 14.65 -6.96
C ALA A 215 6.85 13.57 -8.02
N PRO A 216 6.25 13.91 -9.17
CA PRO A 216 5.98 12.87 -10.19
C PRO A 216 7.24 12.17 -10.68
N GLU A 217 8.36 12.88 -10.81
CA GLU A 217 9.60 12.24 -11.24
C GLU A 217 9.89 11.00 -10.43
N ILE A 218 9.62 11.06 -9.13
CA ILE A 218 10.04 9.99 -8.23
C ILE A 218 9.09 8.80 -8.33
N VAL A 219 7.79 9.05 -8.13
CA VAL A 219 6.84 7.94 -8.04
C VAL A 219 6.75 7.18 -9.35
N ARG A 220 7.17 7.78 -10.47
CA ARG A 220 7.19 7.03 -11.72
C ARG A 220 8.26 5.95 -11.68
N GLU A 221 9.36 6.20 -10.95
CA GLU A 221 10.45 5.25 -10.88
C GLU A 221 10.24 4.18 -9.82
N MET A 222 9.29 4.39 -8.89
CA MET A 222 9.06 3.37 -7.88
C MET A 222 8.54 2.10 -8.53
N THR A 223 9.04 0.98 -8.04
CA THR A 223 8.74 -0.35 -8.56
C THR A 223 9.49 -1.35 -7.67
N PRO A 224 8.91 -2.50 -7.38
CA PRO A 224 9.57 -3.46 -6.49
C PRO A 224 11.01 -3.78 -6.94
N GLY A 225 11.86 -4.02 -5.94
CA GLY A 225 13.27 -4.30 -6.11
C GLY A 225 14.15 -3.10 -6.35
N LYS A 226 13.59 -1.90 -6.43
CA LYS A 226 14.37 -0.67 -6.55
C LYS A 226 14.40 -0.03 -5.17
N ASP A 227 15.60 0.26 -4.66
CA ASP A 227 15.75 0.84 -3.34
C ASP A 227 15.48 2.34 -3.37
N GLU A 228 15.24 2.91 -2.18
CA GLU A 228 14.99 4.34 -2.08
C GLU A 228 16.20 5.16 -2.50
N ASP A 229 17.40 4.60 -2.37
CA ASP A 229 18.60 5.38 -2.67
C ASP A 229 18.75 5.64 -4.16
N GLN A 230 18.14 4.82 -5.02
CA GLN A 230 18.23 4.96 -6.46
C GLN A 230 17.22 5.96 -7.03
N LEU A 231 16.31 6.51 -6.22
CA LEU A 231 15.27 7.41 -6.68
C LEU A 231 15.83 8.80 -6.99
N PRO A 232 15.15 9.56 -7.85
CA PRO A 232 15.66 10.89 -8.28
C PRO A 232 15.21 12.05 -7.41
N PHE A 233 15.69 12.08 -6.16
CA PHE A 233 15.54 13.26 -5.34
C PHE A 233 16.37 14.41 -5.92
N SER A 234 16.01 15.64 -5.55
CA SER A 234 16.63 16.82 -6.14
C SER A 234 16.13 18.06 -5.41
N LYS A 235 16.72 19.21 -5.79
CA LYS A 235 16.24 20.49 -5.27
C LYS A 235 14.80 20.75 -5.70
N ALA A 236 14.47 20.44 -6.96
CA ALA A 236 13.11 20.62 -7.43
C ALA A 236 12.12 19.71 -6.72
N ALA A 237 12.49 18.45 -6.50
CA ALA A 237 11.63 17.57 -5.72
C ALA A 237 11.41 18.10 -4.31
N ASP A 238 12.42 18.77 -3.74
CA ASP A 238 12.28 19.39 -2.44
C ASP A 238 11.26 20.53 -2.44
N VAL A 239 11.25 21.35 -3.49
CA VAL A 239 10.27 22.44 -3.54
C VAL A 239 8.88 21.88 -3.80
N TYR A 240 8.78 20.74 -4.47
CA TYR A 240 7.48 20.08 -4.61
C TYR A 240 6.97 19.64 -3.24
N ALA A 241 7.85 19.02 -2.43
CA ALA A 241 7.46 18.67 -1.07
C ALA A 241 7.06 19.90 -0.27
N PHE A 242 7.72 21.03 -0.52
CA PHE A 242 7.26 22.28 0.09
C PHE A 242 5.86 22.65 -0.39
N GLY A 243 5.55 22.34 -1.64
CA GLY A 243 4.20 22.57 -2.10
C GLY A 243 3.17 21.82 -1.28
N THR A 244 3.45 20.56 -0.96
CA THR A 244 2.51 19.78 -0.17
C THR A 244 2.37 20.32 1.25
N VAL A 245 3.47 20.72 1.89
CA VAL A 245 3.34 21.24 3.24
C VAL A 245 2.60 22.58 3.22
N TRP A 246 2.75 23.37 2.17
CA TRP A 246 1.96 24.60 2.10
C TRP A 246 0.48 24.28 1.95
N TYR A 247 0.14 23.30 1.11
CA TYR A 247 -1.25 22.90 1.03
C TYR A 247 -1.76 22.45 2.39
N GLU A 248 -0.94 21.71 3.12
CA GLU A 248 -1.31 21.29 4.47
C GLU A 248 -1.48 22.50 5.39
N LEU A 249 -0.71 23.56 5.21
CA LEU A 249 -0.92 24.77 5.99
C LEU A 249 -2.27 25.42 5.65
N GLN A 250 -2.72 25.29 4.40
CA GLN A 250 -4.01 25.85 4.01
C GLN A 250 -5.17 24.98 4.47
N ALA A 251 -5.08 23.67 4.25
CA ALA A 251 -6.25 22.80 4.34
C ALA A 251 -6.19 21.84 5.53
N ARG A 252 -5.09 21.81 6.28
CA ARG A 252 -4.95 20.96 7.46
C ARG A 252 -5.30 19.49 7.18
N ASP A 253 -4.86 18.99 6.03
CA ASP A 253 -5.05 17.57 5.69
C ASP A 253 -4.23 17.24 4.47
N TRP A 254 -4.19 15.96 4.15
CA TRP A 254 -3.56 15.49 2.92
C TRP A 254 -4.25 16.10 1.71
N PRO A 255 -3.55 16.26 0.59
CA PRO A 255 -4.24 16.67 -0.64
C PRO A 255 -4.93 15.53 -1.34
N LEU A 256 -4.61 14.29 -0.99
CA LEU A 256 -5.28 13.11 -1.54
C LEU A 256 -5.73 12.24 -0.38
N LYS A 257 -7.01 11.91 -0.34
CA LYS A 257 -7.53 11.10 0.75
C LYS A 257 -6.97 9.68 0.66
N ASN A 258 -6.78 9.05 1.82
CA ASN A 258 -6.21 7.72 1.90
C ASN A 258 -6.87 6.75 0.92
N GLN A 259 -6.05 5.99 0.22
CA GLN A 259 -6.47 5.13 -0.86
C GLN A 259 -5.35 4.15 -1.16
N ALA A 260 -5.65 3.17 -2.02
CA ALA A 260 -4.66 2.18 -2.39
C ALA A 260 -3.45 2.85 -3.03
N ALA A 261 -2.27 2.38 -2.62
CA ALA A 261 -1.05 3.07 -3.02
C ALA A 261 -0.87 3.09 -4.53
N GLU A 262 -1.31 2.02 -5.22
CA GLU A 262 -1.25 2.03 -6.67
C GLU A 262 -2.04 3.20 -7.25
N ALA A 263 -3.22 3.46 -6.69
CA ALA A 263 -3.99 4.63 -7.12
C ALA A 263 -3.19 5.91 -6.94
N SER A 264 -2.62 6.10 -5.75
CA SER A 264 -1.83 7.29 -5.47
C SER A 264 -0.63 7.42 -6.42
N ILE A 265 0.04 6.30 -6.71
CA ILE A 265 1.18 6.35 -7.63
C ILE A 265 0.77 6.87 -8.99
N TRP A 266 -0.32 6.36 -9.54
CA TRP A 266 -0.73 6.83 -10.86
C TRP A 266 -1.13 8.30 -10.81
N GLN A 267 -1.93 8.68 -9.81
CA GLN A 267 -2.46 10.04 -9.75
C GLN A 267 -1.35 11.04 -9.53
N ILE A 268 -0.33 10.66 -8.74
CA ILE A 268 0.78 11.55 -8.48
C ILE A 268 1.66 11.68 -9.71
N GLY A 269 2.07 10.55 -10.29
CA GLY A 269 3.01 10.56 -11.40
C GLY A 269 2.43 10.95 -12.74
N SER A 270 1.12 10.89 -12.88
CA SER A 270 0.48 11.43 -14.08
C SER A 270 0.32 12.94 -14.02
N GLY A 271 0.48 13.55 -12.86
CA GLY A 271 0.12 14.94 -12.67
C GLY A 271 -1.37 15.17 -12.57
N GLU A 272 -2.19 14.17 -12.92
CA GLU A 272 -3.64 14.34 -12.92
C GLU A 272 -4.12 14.71 -11.52
N GLY A 273 -3.70 13.94 -10.50
CA GLY A 273 -4.22 14.14 -9.16
C GLY A 273 -4.01 15.56 -8.68
N MET A 274 -2.85 16.12 -9.01
CA MET A 274 -2.50 17.49 -8.61
C MET A 274 -3.26 18.52 -9.44
N LYS A 275 -3.58 18.20 -10.69
CA LYS A 275 -4.45 19.05 -11.48
C LYS A 275 -5.84 19.13 -10.87
N ARG A 276 -6.38 17.99 -10.44
CA ARG A 276 -7.71 17.90 -9.87
C ARG A 276 -7.81 18.53 -8.47
N VAL A 277 -6.77 18.44 -7.64
CA VAL A 277 -6.84 19.09 -6.33
C VAL A 277 -6.85 20.61 -6.48
N LEU A 278 -6.03 21.15 -7.39
CA LEU A 278 -6.06 22.58 -7.66
C LEU A 278 -7.43 23.03 -8.13
N THR A 279 -8.17 22.13 -8.79
CA THR A 279 -9.53 22.45 -9.21
C THR A 279 -10.48 22.46 -8.02
N SER A 280 -10.35 21.48 -7.13
CA SER A 280 -11.49 20.96 -6.39
C SER A 280 -11.95 21.90 -5.28
N VAL A 281 -11.04 22.40 -4.46
CA VAL A 281 -11.37 23.43 -3.48
C VAL A 281 -10.23 24.43 -3.42
N SER A 282 -10.53 25.71 -3.64
CA SER A 282 -9.47 26.69 -3.74
C SER A 282 -9.51 27.65 -2.57
N LEU A 283 -8.46 28.46 -2.48
CA LEU A 283 -8.01 29.03 -1.23
C LEU A 283 -7.95 30.54 -1.35
N GLY A 284 -6.91 31.04 -2.01
CA GLY A 284 -6.92 32.35 -2.61
C GLY A 284 -5.99 32.33 -3.80
N LYS A 285 -6.17 33.30 -4.69
CA LYS A 285 -5.43 33.28 -5.95
C LYS A 285 -3.93 33.35 -5.69
N GLU A 286 -3.49 34.31 -4.87
CA GLU A 286 -2.06 34.42 -4.57
C GLU A 286 -1.56 33.22 -3.78
N VAL A 287 -2.35 32.73 -2.82
CA VAL A 287 -2.03 31.49 -2.12
C VAL A 287 -1.88 30.35 -3.13
N SER A 288 -2.91 30.13 -3.94
CA SER A 288 -2.92 29.00 -4.86
C SER A 288 -1.86 29.11 -5.94
N GLU A 289 -1.41 30.33 -6.26
CA GLU A 289 -0.36 30.49 -7.26
C GLU A 289 0.93 29.80 -6.85
N ILE A 290 1.32 29.95 -5.58
CA ILE A 290 2.54 29.30 -5.11
C ILE A 290 2.36 27.79 -5.15
N LEU A 291 1.15 27.30 -4.86
CA LEU A 291 0.89 25.87 -4.86
C LEU A 291 1.02 25.31 -6.27
N SER A 292 0.39 25.98 -7.24
CA SER A 292 0.48 25.53 -8.63
C SER A 292 1.92 25.58 -9.13
N ALA A 293 2.71 26.54 -8.64
CA ALA A 293 4.11 26.64 -9.04
C ALA A 293 4.94 25.49 -8.48
N CYS A 294 4.77 25.17 -7.19
CA CYS A 294 5.59 24.14 -6.55
C CYS A 294 5.25 22.76 -7.09
N TRP A 295 3.98 22.50 -7.38
CA TRP A 295 3.54 21.20 -7.85
C TRP A 295 3.71 21.01 -9.35
N ALA A 296 4.30 21.99 -10.03
CA ALA A 296 4.43 21.97 -11.49
C ALA A 296 4.93 20.61 -11.98
N PHE A 297 4.21 20.05 -12.95
CA PHE A 297 4.51 18.69 -13.41
C PHE A 297 5.93 18.59 -13.92
N ASP A 298 6.31 19.46 -14.86
CA ASP A 298 7.70 19.55 -15.28
C ASP A 298 8.53 20.16 -14.16
N LEU A 299 9.55 19.43 -13.71
CA LEU A 299 10.31 19.85 -12.54
C LEU A 299 11.04 21.17 -12.80
N GLN A 300 11.49 21.38 -14.04
CA GLN A 300 12.29 22.56 -14.35
C GLN A 300 11.50 23.85 -14.22
N GLU A 301 10.18 23.79 -14.23
CA GLU A 301 9.36 24.98 -14.10
C GLU A 301 9.06 25.32 -12.65
N ARG A 302 9.59 24.53 -11.71
CA ARG A 302 9.42 24.76 -10.29
C ARG A 302 10.35 25.87 -9.82
N PRO A 303 9.89 26.72 -8.91
CA PRO A 303 10.72 27.85 -8.47
C PRO A 303 11.81 27.39 -7.51
N SER A 304 12.86 28.22 -7.42
CA SER A 304 13.87 28.05 -6.39
C SER A 304 13.29 28.49 -5.04
N PHE A 305 13.99 28.15 -3.95
CA PHE A 305 13.52 28.53 -2.63
C PHE A 305 13.74 30.02 -2.38
N SER A 306 14.82 30.58 -2.93
CA SER A 306 15.02 32.03 -2.85
C SER A 306 13.85 32.78 -3.47
N LEU A 307 13.44 32.37 -4.67
CA LEU A 307 12.29 32.97 -5.33
C LEU A 307 11.02 32.78 -4.48
N LEU A 308 10.85 31.61 -3.87
CA LEU A 308 9.66 31.34 -3.05
C LEU A 308 9.54 32.29 -1.87
N MET A 309 10.66 32.73 -1.29
CA MET A 309 10.62 33.76 -0.25
C MET A 309 9.88 35.00 -0.75
N ASP A 310 10.26 35.50 -1.95
CA ASP A 310 9.61 36.68 -2.51
C ASP A 310 8.11 36.43 -2.71
N MET A 311 7.76 35.31 -3.34
CA MET A 311 6.35 35.00 -3.58
C MET A 311 5.53 35.00 -2.31
N LEU A 312 6.08 34.42 -1.23
CA LEU A 312 5.35 34.45 0.03
C LEU A 312 5.24 35.86 0.58
N GLU A 313 6.12 36.77 0.17
CA GLU A 313 6.01 38.15 0.65
C GLU A 313 4.84 38.89 0.02
N LYS A 314 4.68 38.83 -1.30
CA LYS A 314 3.59 39.57 -1.94
C LYS A 314 2.23 38.88 -1.77
N LEU A 315 1.80 38.76 -0.52
CA LEU A 315 0.52 38.19 -0.15
C LEU A 315 -0.04 39.05 0.98
N PRO A 316 -1.35 38.98 1.24
CA PRO A 316 -1.98 39.61 2.40
C PRO A 316 -1.13 39.60 3.68
N LEU B 31 -30.79 -15.37 -1.40
CA LEU B 31 -30.61 -16.76 -1.00
C LEU B 31 -30.35 -17.68 -2.18
N GLU B 32 -31.39 -18.44 -2.57
CA GLU B 32 -31.36 -19.36 -3.72
C GLU B 32 -30.23 -20.37 -3.50
N LEU B 33 -30.21 -20.87 -2.26
CA LEU B 33 -29.26 -21.82 -1.68
C LEU B 33 -29.66 -23.29 -1.89
N ASP B 34 -28.92 -24.01 -2.73
CA ASP B 34 -29.17 -25.43 -2.87
C ASP B 34 -29.08 -26.11 -1.50
N GLU B 35 -29.61 -27.35 -1.40
CA GLU B 35 -29.69 -28.04 -0.12
C GLU B 35 -28.43 -28.84 0.22
N GLN B 36 -27.86 -29.54 -0.76
CA GLN B 36 -26.49 -30.03 -0.65
C GLN B 36 -25.62 -28.98 0.01
N GLN B 37 -25.69 -27.74 -0.49
CA GLN B 37 -24.87 -26.65 0.04
C GLN B 37 -25.27 -26.31 1.48
N ARG B 38 -26.58 -26.24 1.75
CA ARG B 38 -27.09 -25.90 3.07
C ARG B 38 -26.81 -26.99 4.10
N LYS B 39 -26.57 -28.21 3.66
CA LYS B 39 -26.26 -29.31 4.58
C LYS B 39 -24.76 -29.41 4.85
N ARG B 40 -23.91 -28.84 3.97
CA ARG B 40 -22.50 -28.62 4.28
C ARG B 40 -22.18 -27.28 4.93
N LEU B 41 -23.08 -26.31 4.87
CA LEU B 41 -22.93 -25.11 5.69
C LEU B 41 -23.27 -25.36 7.15
N GLU B 42 -24.38 -26.06 7.39
CA GLU B 42 -24.76 -26.39 8.76
C GLU B 42 -23.69 -27.26 9.38
N ALA B 43 -23.15 -28.20 8.59
CA ALA B 43 -22.17 -29.15 9.10
C ALA B 43 -20.94 -28.41 9.59
N PHE B 44 -20.62 -27.26 8.99
CA PHE B 44 -19.42 -26.54 9.36
C PHE B 44 -19.65 -25.44 10.38
N LEU B 45 -20.88 -24.94 10.51
CA LEU B 45 -21.19 -24.05 11.62
C LEU B 45 -21.36 -24.81 12.92
N THR B 46 -21.88 -26.03 12.87
CA THR B 46 -22.02 -26.79 14.11
C THR B 46 -20.74 -27.52 14.55
N GLN B 47 -19.87 -27.93 13.63
CA GLN B 47 -18.52 -28.28 14.08
C GLN B 47 -17.78 -27.04 14.56
N LYS B 48 -18.28 -25.87 14.17
CA LYS B 48 -17.68 -24.57 14.49
C LYS B 48 -17.87 -24.22 15.95
N GLN B 49 -19.02 -24.58 16.53
CA GLN B 49 -19.28 -24.28 17.92
C GLN B 49 -18.63 -25.30 18.84
N LYS B 50 -18.23 -26.45 18.28
CA LYS B 50 -17.41 -27.43 18.97
C LYS B 50 -16.00 -26.91 19.23
N VAL B 51 -15.48 -26.04 18.37
CA VAL B 51 -14.15 -25.51 18.63
C VAL B 51 -14.14 -24.38 19.67
N GLY B 52 -15.23 -23.64 19.82
CA GLY B 52 -15.35 -22.73 20.95
C GLY B 52 -14.51 -21.51 20.68
N GLU B 53 -13.67 -21.17 21.65
CA GLU B 53 -12.83 -20.01 21.40
C GLU B 53 -11.44 -20.58 21.05
N LEU B 54 -10.45 -19.70 20.95
CA LEU B 54 -9.09 -20.24 20.89
C LEU B 54 -8.06 -19.27 21.46
N LYS B 55 -6.76 -19.62 21.29
CA LYS B 55 -5.56 -18.80 21.48
C LYS B 55 -4.33 -19.54 20.93
N ASP B 56 -3.23 -18.78 20.78
CA ASP B 56 -2.12 -19.14 19.89
C ASP B 56 -1.62 -20.56 20.11
N ASP B 57 -1.28 -20.92 21.35
CA ASP B 57 -0.62 -22.20 21.59
C ASP B 57 -1.55 -23.39 21.46
N ASP B 58 -2.82 -23.15 21.12
CA ASP B 58 -3.72 -24.22 20.71
C ASP B 58 -3.29 -24.84 19.38
N PHE B 59 -2.50 -24.11 18.58
CA PHE B 59 -2.16 -24.45 17.20
C PHE B 59 -0.73 -24.98 17.07
N GLU B 60 -0.46 -25.60 15.91
CA GLU B 60 0.85 -26.15 15.60
C GLU B 60 1.03 -26.21 14.08
N LYS B 61 2.22 -25.81 13.63
CA LYS B 61 2.55 -25.61 12.22
C LYS B 61 2.47 -26.92 11.41
N ILE B 62 2.36 -26.77 10.08
CA ILE B 62 2.57 -27.88 9.15
C ILE B 62 3.54 -27.50 8.03
N SER B 63 3.19 -26.51 7.20
CA SER B 63 4.08 -26.18 6.09
C SER B 63 3.77 -24.78 5.57
N GLU B 64 4.53 -24.37 4.56
CA GLU B 64 4.53 -23.00 4.05
C GLU B 64 3.49 -22.92 2.93
N LEU B 65 2.35 -22.27 3.21
CA LEU B 65 1.40 -22.05 2.13
C LEU B 65 1.87 -20.90 1.25
N GLY B 66 2.20 -19.78 1.87
CA GLY B 66 2.93 -18.69 1.25
C GLY B 66 2.71 -17.39 2.02
N ALA B 67 3.18 -16.30 1.42
CA ALA B 67 3.09 -15.02 2.10
C ALA B 67 3.02 -13.87 1.10
N GLY B 68 2.27 -12.84 1.48
CA GLY B 68 2.26 -11.68 0.63
C GLY B 68 1.33 -10.53 1.01
N ASN B 69 1.69 -9.34 0.55
CA ASN B 69 0.92 -8.12 0.74
C ASN B 69 0.35 -8.01 2.15
N GLY B 70 1.19 -8.32 3.12
CA GLY B 70 0.72 -8.23 4.50
C GLY B 70 1.15 -9.37 5.40
N GLY B 71 0.67 -10.60 5.12
CA GLY B 71 1.13 -11.61 6.04
C GLY B 71 1.07 -13.04 5.52
N VAL B 72 1.92 -13.83 6.20
CA VAL B 72 2.12 -15.25 5.97
C VAL B 72 0.96 -16.09 6.45
N VAL B 73 0.68 -17.16 5.72
CA VAL B 73 -0.40 -18.07 6.05
C VAL B 73 0.18 -19.47 5.99
N PHE B 74 -0.21 -20.29 6.98
CA PHE B 74 0.43 -21.57 7.19
C PHE B 74 -0.64 -22.60 7.46
N LYS B 75 -0.44 -23.83 6.97
CA LYS B 75 -1.31 -24.92 7.36
C LYS B 75 -1.06 -25.29 8.81
N VAL B 76 -2.13 -25.43 9.58
CA VAL B 76 -2.04 -25.55 11.03
C VAL B 76 -3.00 -26.65 11.45
N SER B 77 -2.71 -27.34 12.55
CA SER B 77 -3.68 -28.20 13.21
C SER B 77 -4.06 -27.61 14.56
N HIS B 78 -5.37 -27.43 14.75
CA HIS B 78 -5.90 -27.03 16.05
C HIS B 78 -6.06 -28.16 17.04
N LYS B 79 -5.56 -27.93 18.27
CA LYS B 79 -5.43 -28.99 19.27
C LYS B 79 -6.67 -29.27 20.12
N PRO B 80 -7.37 -28.26 20.67
CA PRO B 80 -8.63 -28.58 21.38
C PRO B 80 -9.65 -29.35 20.59
N SER B 81 -9.82 -29.04 19.32
CA SER B 81 -10.85 -29.68 18.48
C SER B 81 -10.19 -30.20 17.22
N GLY B 82 -10.03 -31.51 17.12
CA GLY B 82 -9.31 -32.13 16.01
C GLY B 82 -9.70 -31.57 14.66
N LEU B 83 -9.09 -30.46 14.28
CA LEU B 83 -9.42 -29.86 12.99
C LEU B 83 -8.15 -29.27 12.39
N VAL B 84 -7.96 -29.38 11.06
CA VAL B 84 -6.86 -28.70 10.35
C VAL B 84 -7.38 -27.40 9.73
N MET B 85 -6.71 -26.30 10.05
CA MET B 85 -7.09 -24.99 9.58
C MET B 85 -5.94 -24.33 8.82
N ALA B 86 -6.22 -23.15 8.29
CA ALA B 86 -5.21 -22.29 7.67
C ALA B 86 -5.19 -20.99 8.47
N ARG B 87 -4.02 -20.61 8.97
CA ARG B 87 -3.93 -19.42 9.81
C ARG B 87 -3.23 -18.31 9.05
N LYS B 88 -3.85 -17.13 9.02
CA LYS B 88 -3.30 -15.94 8.39
C LYS B 88 -2.84 -15.02 9.51
N LEU B 89 -1.53 -14.83 9.61
CA LEU B 89 -0.93 -13.88 10.54
C LEU B 89 -0.48 -12.66 9.75
N ILE B 90 -0.85 -11.47 10.24
CA ILE B 90 -0.32 -10.22 9.72
C ILE B 90 0.14 -9.35 10.89
N HIS B 91 1.25 -8.64 10.67
CA HIS B 91 2.07 -8.09 11.74
C HIS B 91 1.93 -6.57 11.76
N LEU B 92 1.25 -6.03 12.79
CA LEU B 92 0.88 -4.61 12.84
C LEU B 92 1.10 -4.04 14.24
N GLU B 93 2.29 -3.47 14.46
CA GLU B 93 2.50 -2.56 15.58
C GLU B 93 1.88 -1.23 15.21
N ILE B 94 0.76 -0.91 15.84
CA ILE B 94 0.17 0.42 15.81
C ILE B 94 -0.55 0.67 17.12
N LYS B 95 -1.07 1.88 17.29
CA LYS B 95 -1.74 2.23 18.53
C LYS B 95 -2.87 1.26 18.83
N PRO B 96 -2.95 0.71 20.04
CA PRO B 96 -3.86 -0.42 20.30
C PRO B 96 -5.33 -0.09 20.09
N ALA B 97 -5.73 1.18 20.20
CA ALA B 97 -7.15 1.52 20.05
C ALA B 97 -7.71 1.04 18.71
N ILE B 98 -7.03 1.37 17.61
CA ILE B 98 -7.50 0.92 16.29
C ILE B 98 -7.30 -0.57 16.13
N ARG B 99 -6.32 -1.16 16.84
CA ARG B 99 -6.13 -2.60 16.79
C ARG B 99 -7.36 -3.35 17.31
N ASN B 100 -7.96 -2.88 18.41
CA ASN B 100 -9.17 -3.56 18.89
C ASN B 100 -10.38 -3.21 18.02
N GLN B 101 -10.41 -1.99 17.47
CA GLN B 101 -11.44 -1.67 16.48
C GLN B 101 -11.36 -2.60 15.28
N ILE B 102 -10.15 -2.97 14.87
CA ILE B 102 -9.98 -3.87 13.73
C ILE B 102 -10.55 -5.25 14.06
N ILE B 103 -10.21 -5.78 15.24
CA ILE B 103 -10.69 -7.11 15.61
C ILE B 103 -12.21 -7.14 15.68
N ARG B 104 -12.82 -6.07 16.21
CA ARG B 104 -14.28 -6.09 16.32
C ARG B 104 -14.95 -5.91 14.96
N GLU B 105 -14.35 -5.12 14.06
CA GLU B 105 -14.88 -5.06 12.70
C GLU B 105 -14.68 -6.37 11.96
N LEU B 106 -13.61 -7.10 12.28
CA LEU B 106 -13.29 -8.34 11.57
C LEU B 106 -14.19 -9.48 12.03
N GLN B 107 -14.68 -9.45 13.26
CA GLN B 107 -15.58 -10.47 13.77
C GLN B 107 -16.88 -10.59 12.97
N VAL B 108 -17.19 -9.63 12.10
CA VAL B 108 -18.40 -9.73 11.29
C VAL B 108 -18.34 -10.91 10.33
N LEU B 109 -17.15 -11.39 10.02
CA LEU B 109 -16.98 -12.66 9.31
C LEU B 109 -17.80 -13.80 9.89
N HIS B 110 -18.21 -13.73 11.16
CA HIS B 110 -19.03 -14.79 11.73
C HIS B 110 -20.42 -14.82 11.09
N GLU B 111 -20.92 -13.66 10.65
CA GLU B 111 -22.22 -13.64 9.97
C GLU B 111 -22.10 -14.03 8.50
N CYS B 112 -20.90 -13.92 7.93
CA CYS B 112 -20.67 -14.14 6.51
C CYS B 112 -20.45 -15.63 6.30
N ASN B 113 -21.46 -16.30 5.76
CA ASN B 113 -21.36 -17.74 5.57
C ASN B 113 -22.13 -18.10 4.30
N SER B 114 -21.41 -18.53 3.28
CA SER B 114 -21.99 -18.91 1.99
C SER B 114 -21.14 -20.03 1.40
N PRO B 115 -21.73 -20.86 0.53
CA PRO B 115 -20.93 -21.92 -0.11
C PRO B 115 -19.82 -21.37 -1.00
N TYR B 116 -19.76 -20.05 -1.17
CA TYR B 116 -18.77 -19.41 -2.03
C TYR B 116 -17.87 -18.45 -1.27
N ILE B 117 -17.87 -18.49 0.07
CA ILE B 117 -16.95 -17.70 0.86
C ILE B 117 -16.32 -18.64 1.87
N VAL B 118 -14.98 -18.57 1.95
CA VAL B 118 -14.23 -19.54 2.75
C VAL B 118 -14.78 -19.57 4.16
N GLY B 119 -14.88 -20.78 4.73
CA GLY B 119 -15.31 -20.93 6.11
C GLY B 119 -14.43 -20.22 7.12
N PHE B 120 -15.03 -19.26 7.81
CA PHE B 120 -14.35 -18.47 8.84
C PHE B 120 -14.66 -19.04 10.21
N TYR B 121 -13.63 -19.05 11.07
CA TYR B 121 -13.79 -19.61 12.40
C TYR B 121 -13.57 -18.57 13.49
N GLY B 122 -12.44 -17.87 13.49
CA GLY B 122 -12.16 -16.92 14.54
C GLY B 122 -11.08 -15.93 14.15
N ALA B 123 -11.05 -14.82 14.89
CA ALA B 123 -10.08 -13.74 14.70
C ALA B 123 -9.60 -13.29 16.07
N PHE B 124 -8.28 -13.23 16.28
CA PHE B 124 -7.83 -12.77 17.60
C PHE B 124 -6.49 -12.06 17.48
N TYR B 125 -6.21 -11.23 18.49
CA TYR B 125 -4.93 -10.53 18.65
C TYR B 125 -4.02 -11.33 19.57
N SER B 126 -2.74 -11.44 19.17
CA SER B 126 -1.76 -12.16 19.98
C SER B 126 -0.39 -11.68 19.57
N ASP B 127 0.36 -11.13 20.53
CA ASP B 127 1.75 -10.70 20.36
C ASP B 127 1.81 -9.50 19.38
N GLY B 128 0.71 -8.77 19.23
CA GLY B 128 0.63 -7.74 18.22
C GLY B 128 0.64 -8.28 16.81
N GLU B 129 0.09 -9.48 16.61
CA GLU B 129 0.03 -10.14 15.31
C GLU B 129 -1.39 -10.68 15.16
N ILE B 130 -2.22 -10.03 14.34
CA ILE B 130 -3.59 -10.48 14.14
C ILE B 130 -3.57 -11.78 13.35
N SER B 131 -4.36 -12.75 13.81
CA SER B 131 -4.49 -14.03 13.14
C SER B 131 -5.95 -14.30 12.77
N ILE B 132 -6.17 -14.72 11.53
CA ILE B 132 -7.48 -15.14 11.05
C ILE B 132 -7.42 -16.63 10.74
N CYS B 133 -8.31 -17.39 11.36
CA CYS B 133 -8.40 -18.84 11.15
C CYS B 133 -9.57 -19.14 10.23
N MET B 134 -9.29 -19.84 9.13
CA MET B 134 -10.27 -20.12 8.10
C MET B 134 -10.16 -21.58 7.65
N GLU B 135 -11.14 -22.00 6.85
CA GLU B 135 -11.06 -23.28 6.15
C GLU B 135 -9.71 -23.46 5.50
N HIS B 136 -9.20 -24.69 5.55
CA HIS B 136 -8.11 -25.05 4.66
C HIS B 136 -8.71 -25.55 3.36
N MET B 137 -8.21 -25.02 2.26
CA MET B 137 -8.70 -25.38 0.94
C MET B 137 -7.64 -26.24 0.28
N ASP B 138 -8.02 -27.49 -0.05
CA ASP B 138 -7.05 -28.51 -0.44
C ASP B 138 -6.17 -28.08 -1.60
N GLY B 139 -6.76 -27.45 -2.63
CA GLY B 139 -6.04 -27.13 -3.83
C GLY B 139 -5.43 -25.75 -3.88
N GLY B 140 -5.55 -24.95 -2.83
CA GLY B 140 -4.92 -23.64 -2.83
C GLY B 140 -5.62 -22.66 -3.75
N SER B 141 -4.84 -21.71 -4.26
CA SER B 141 -5.38 -20.61 -5.04
C SER B 141 -5.29 -20.91 -6.53
N LEU B 142 -6.28 -20.40 -7.27
CA LEU B 142 -6.26 -20.54 -8.72
C LEU B 142 -5.01 -19.95 -9.37
N ASP B 143 -4.29 -19.06 -8.68
CA ASP B 143 -2.96 -18.68 -9.14
C ASP B 143 -2.00 -19.86 -9.04
N GLN B 144 -1.96 -20.51 -7.87
CA GLN B 144 -1.18 -21.73 -7.72
C GLN B 144 -1.63 -22.79 -8.72
N VAL B 145 -2.94 -23.08 -8.73
CA VAL B 145 -3.52 -23.99 -9.72
C VAL B 145 -3.04 -23.64 -11.11
N LEU B 146 -3.00 -22.34 -11.44
CA LEU B 146 -2.70 -21.92 -12.80
C LEU B 146 -1.26 -22.22 -13.14
N LYS B 147 -0.34 -21.93 -12.22
CA LYS B 147 1.08 -22.10 -12.49
C LYS B 147 1.39 -23.56 -12.80
N LYS B 148 0.77 -24.48 -12.05
CA LYS B 148 0.95 -25.91 -12.34
C LYS B 148 0.18 -26.31 -13.59
N ALA B 149 -1.01 -25.74 -13.80
CA ALA B 149 -1.85 -26.12 -14.93
C ALA B 149 -1.41 -25.47 -16.23
N GLY B 150 -0.73 -24.34 -16.14
CA GLY B 150 -0.24 -23.64 -17.32
C GLY B 150 -1.32 -22.79 -17.94
N ARG B 151 -2.44 -23.43 -18.29
CA ARG B 151 -3.62 -22.71 -18.74
C ARG B 151 -4.85 -23.35 -18.10
N ILE B 152 -5.92 -22.60 -18.03
CA ILE B 152 -7.19 -23.09 -17.48
C ILE B 152 -8.20 -23.15 -18.61
N PRO B 153 -8.85 -24.30 -18.85
CA PRO B 153 -9.79 -24.40 -19.96
C PRO B 153 -11.02 -23.52 -19.76
N GLU B 154 -11.77 -23.35 -20.86
CA GLU B 154 -12.96 -22.52 -20.82
C GLU B 154 -14.11 -23.22 -20.12
N GLN B 155 -14.32 -24.52 -20.40
CA GLN B 155 -15.35 -25.33 -19.75
C GLN B 155 -15.44 -25.05 -18.26
N ILE B 156 -14.28 -24.83 -17.64
CA ILE B 156 -14.17 -24.79 -16.19
C ILE B 156 -14.18 -23.36 -15.68
N LEU B 157 -13.58 -22.43 -16.45
CA LEU B 157 -13.64 -21.02 -16.14
C LEU B 157 -15.08 -20.54 -16.11
N GLY B 158 -15.94 -21.20 -16.89
CA GLY B 158 -17.36 -20.96 -16.77
C GLY B 158 -17.85 -21.12 -15.34
N LYS B 159 -17.50 -22.25 -14.70
CA LYS B 159 -17.99 -22.53 -13.35
C LYS B 159 -17.39 -21.55 -12.33
N VAL B 160 -16.11 -21.23 -12.45
CA VAL B 160 -15.52 -20.29 -11.50
C VAL B 160 -16.14 -18.92 -11.67
N SER B 161 -16.48 -18.55 -12.90
CA SER B 161 -17.12 -17.26 -13.13
C SER B 161 -18.47 -17.18 -12.42
N ILE B 162 -19.28 -18.24 -12.53
CA ILE B 162 -20.55 -18.29 -11.81
C ILE B 162 -20.30 -18.15 -10.33
N ALA B 163 -19.33 -18.89 -9.81
CA ALA B 163 -18.99 -18.84 -8.40
C ALA B 163 -18.64 -17.43 -7.95
N VAL B 164 -17.89 -16.70 -8.77
CA VAL B 164 -17.45 -15.38 -8.34
C VAL B 164 -18.61 -14.38 -8.31
N ILE B 165 -19.46 -14.38 -9.34
CA ILE B 165 -20.60 -13.48 -9.33
C ILE B 165 -21.52 -13.80 -8.17
N LYS B 166 -21.70 -15.09 -7.87
CA LYS B 166 -22.53 -15.47 -6.73
C LYS B 166 -21.94 -14.95 -5.42
N GLY B 167 -20.64 -15.14 -5.23
CA GLY B 167 -19.99 -14.64 -4.02
C GLY B 167 -20.14 -13.14 -3.89
N LEU B 168 -19.93 -12.43 -5.00
CA LEU B 168 -19.98 -10.97 -4.98
C LEU B 168 -21.40 -10.46 -4.73
N THR B 169 -22.41 -11.12 -5.32
CA THR B 169 -23.80 -10.73 -5.07
C THR B 169 -24.20 -11.02 -3.63
N TYR B 170 -23.88 -12.20 -3.14
CA TYR B 170 -24.09 -12.53 -1.73
C TYR B 170 -23.53 -11.42 -0.83
N LEU B 171 -22.31 -10.98 -1.12
CA LEU B 171 -21.66 -9.98 -0.29
C LEU B 171 -22.34 -8.62 -0.39
N ARG B 172 -22.69 -8.20 -1.60
CA ARG B 172 -23.28 -6.88 -1.79
C ARG B 172 -24.69 -6.81 -1.23
N GLU B 173 -25.46 -7.89 -1.37
CA GLU B 173 -26.85 -7.82 -0.92
C GLU B 173 -26.98 -8.02 0.58
N LYS B 174 -26.22 -8.96 1.15
CA LYS B 174 -26.50 -9.39 2.52
C LYS B 174 -25.80 -8.49 3.55
N HIS B 175 -24.54 -8.12 3.33
CA HIS B 175 -23.85 -7.23 4.25
C HIS B 175 -23.49 -5.87 3.66
N LYS B 176 -23.75 -5.63 2.38
CA LYS B 176 -23.51 -4.35 1.71
C LYS B 176 -22.04 -3.92 1.72
N ILE B 177 -21.14 -4.84 1.32
CA ILE B 177 -19.72 -4.53 1.19
C ILE B 177 -19.28 -4.84 -0.25
N MET B 178 -18.08 -4.37 -0.61
CA MET B 178 -17.42 -4.84 -1.82
C MET B 178 -16.04 -5.43 -1.51
N HIS B 179 -15.53 -6.20 -2.48
CA HIS B 179 -14.37 -7.04 -2.29
C HIS B 179 -13.05 -6.26 -2.34
N ARG B 180 -12.88 -5.46 -3.38
CA ARG B 180 -11.80 -4.50 -3.63
C ARG B 180 -10.48 -5.13 -4.06
N ASP B 181 -10.36 -6.45 -4.13
CA ASP B 181 -9.12 -7.11 -4.51
C ASP B 181 -9.31 -8.49 -5.11
N VAL B 182 -9.93 -8.60 -6.27
CA VAL B 182 -10.21 -9.90 -6.84
C VAL B 182 -9.08 -10.26 -7.80
N LYS B 183 -8.45 -11.41 -7.56
CA LYS B 183 -7.38 -11.92 -8.40
C LYS B 183 -7.19 -13.41 -8.09
N PRO B 184 -6.55 -14.16 -8.99
CA PRO B 184 -6.49 -15.61 -8.80
C PRO B 184 -5.89 -16.06 -7.47
N SER B 185 -4.91 -15.35 -6.93
CA SER B 185 -4.34 -15.77 -5.65
C SER B 185 -5.30 -15.65 -4.48
N ASN B 186 -6.50 -15.10 -4.70
CA ASN B 186 -7.54 -15.00 -3.69
C ASN B 186 -8.78 -15.82 -4.07
N ILE B 187 -8.61 -16.76 -4.98
CA ILE B 187 -9.64 -17.74 -5.35
C ILE B 187 -9.22 -19.13 -4.91
N LEU B 188 -10.03 -19.77 -4.07
CA LEU B 188 -9.64 -21.01 -3.41
C LEU B 188 -10.52 -22.19 -3.79
N VAL B 189 -9.87 -23.35 -3.95
CA VAL B 189 -10.43 -24.56 -4.53
C VAL B 189 -10.13 -25.73 -3.60
N ASN B 190 -11.05 -26.70 -3.53
CA ASN B 190 -10.83 -27.91 -2.74
C ASN B 190 -11.18 -29.14 -3.55
N SER B 191 -10.72 -30.29 -3.05
CA SER B 191 -10.95 -31.57 -3.72
C SER B 191 -12.42 -32.00 -3.64
N ARG B 192 -13.19 -31.42 -2.74
CA ARG B 192 -14.64 -31.63 -2.72
C ARG B 192 -15.36 -30.86 -3.82
N GLY B 193 -14.65 -30.01 -4.56
CA GLY B 193 -15.17 -29.41 -5.77
C GLY B 193 -15.79 -28.04 -5.62
N GLU B 194 -15.61 -27.39 -4.49
CA GLU B 194 -16.12 -26.05 -4.25
C GLU B 194 -15.15 -24.96 -4.71
N ILE B 195 -15.70 -23.76 -4.86
CA ILE B 195 -14.98 -22.53 -5.16
C ILE B 195 -15.42 -21.52 -4.13
N LYS B 196 -14.47 -20.87 -3.47
CA LYS B 196 -14.81 -19.81 -2.55
C LYS B 196 -13.75 -18.72 -2.58
N LEU B 197 -14.16 -17.52 -2.15
CA LEU B 197 -13.33 -16.33 -2.18
C LEU B 197 -12.76 -16.05 -0.80
N CYS B 198 -11.47 -15.68 -0.76
CA CYS B 198 -10.85 -15.31 0.49
C CYS B 198 -10.34 -13.87 0.40
N ASP B 199 -10.07 -13.29 1.57
CA ASP B 199 -9.44 -11.99 1.72
C ASP B 199 -10.25 -10.83 1.12
N PHE B 200 -11.58 -10.88 1.17
CA PHE B 200 -12.35 -9.71 0.75
C PHE B 200 -12.29 -8.61 1.81
N GLY B 201 -12.45 -7.37 1.35
CA GLY B 201 -12.35 -6.20 2.23
C GLY B 201 -13.54 -6.01 3.14
N VAL B 202 -13.59 -6.73 4.27
CA VAL B 202 -14.73 -6.59 5.17
C VAL B 202 -14.54 -5.40 6.10
N SER B 203 -13.31 -5.15 6.52
CA SER B 203 -13.00 -4.12 7.49
C SER B 203 -12.37 -2.93 6.77
N GLY B 204 -12.91 -1.74 7.05
CA GLY B 204 -12.38 -0.51 6.50
C GLY B 204 -11.11 -0.07 7.19
N GLN B 205 -11.04 -0.23 8.52
CA GLN B 205 -9.87 0.21 9.25
C GLN B 205 -8.62 -0.56 8.80
N LEU B 206 -8.73 -1.88 8.67
CA LEU B 206 -7.61 -2.69 8.21
C LEU B 206 -7.20 -2.33 6.79
N ILE B 207 -8.15 -1.90 5.96
CA ILE B 207 -7.83 -1.48 4.60
C ILE B 207 -7.04 -0.18 4.62
N ASP B 208 -7.53 0.80 5.39
CA ASP B 208 -6.91 2.13 5.45
C ASP B 208 -5.60 2.13 6.22
N SER B 209 -5.42 1.22 7.18
CA SER B 209 -4.25 1.25 8.04
C SER B 209 -3.10 0.37 7.56
N MET B 210 -3.36 -0.65 6.76
CA MET B 210 -2.27 -1.50 6.29
C MET B 210 -2.41 -1.80 4.81
N ALA B 211 -3.56 -2.35 4.43
CA ALA B 211 -3.71 -2.96 3.10
C ALA B 211 -3.44 -1.95 1.99
N ASN B 212 -3.70 -0.67 2.23
CA ASN B 212 -3.56 0.30 1.15
C ASN B 212 -2.11 0.49 0.75
N SER B 213 -1.19 0.35 1.71
CA SER B 213 0.19 0.78 1.46
C SER B 213 0.97 -0.15 0.55
N PHE B 214 0.47 -1.34 0.24
CA PHE B 214 1.22 -2.27 -0.58
C PHE B 214 0.92 -2.07 -2.07
N VAL B 215 1.96 -2.20 -2.88
CA VAL B 215 1.83 -2.27 -4.33
C VAL B 215 2.72 -3.41 -4.81
N GLY B 216 2.14 -4.34 -5.57
CA GLY B 216 2.86 -5.47 -6.11
C GLY B 216 3.46 -5.20 -7.47
N THR B 217 3.77 -6.28 -8.19
CA THR B 217 4.34 -6.20 -9.52
C THR B 217 3.27 -6.21 -10.60
N ARG B 218 2.07 -6.66 -10.27
CA ARG B 218 0.92 -6.62 -11.16
C ARG B 218 -0.14 -5.71 -10.55
N SER B 219 -1.12 -5.33 -11.37
CA SER B 219 -2.25 -4.54 -10.88
C SER B 219 -3.54 -5.11 -11.41
N TYR B 220 -4.51 -5.32 -10.51
CA TYR B 220 -5.85 -5.76 -10.85
C TYR B 220 -6.92 -4.70 -10.58
N MET B 221 -6.51 -3.45 -10.42
CA MET B 221 -7.41 -2.38 -10.04
C MET B 221 -8.07 -1.78 -11.26
N SER B 222 -9.34 -1.45 -11.13
CA SER B 222 -10.10 -0.88 -12.22
C SER B 222 -9.50 0.46 -12.64
N PRO B 223 -9.80 0.94 -13.85
CA PRO B 223 -9.28 2.25 -14.26
C PRO B 223 -9.94 3.41 -13.53
N GLU B 224 -11.12 3.22 -12.95
CA GLU B 224 -11.75 4.30 -12.21
C GLU B 224 -11.32 4.34 -10.76
N ARG B 225 -10.82 3.22 -10.22
CA ARG B 225 -10.17 3.24 -8.92
C ARG B 225 -8.78 3.87 -8.99
N LEU B 226 -8.05 3.63 -10.08
CA LEU B 226 -6.69 4.15 -10.21
C LEU B 226 -6.66 5.67 -10.27
N GLN B 227 -7.70 6.29 -10.79
CA GLN B 227 -7.81 7.75 -10.81
C GLN B 227 -8.54 8.30 -9.58
N GLY B 228 -8.86 7.44 -8.62
CA GLY B 228 -9.31 7.85 -7.30
C GLY B 228 -10.71 8.41 -7.19
N THR B 229 -11.55 8.24 -8.21
CA THR B 229 -12.95 8.60 -8.11
C THR B 229 -13.65 7.62 -7.16
N HIS B 230 -14.94 7.86 -6.90
CA HIS B 230 -15.72 6.85 -6.22
C HIS B 230 -15.88 5.62 -7.11
N TYR B 231 -15.55 4.46 -6.55
CA TYR B 231 -15.75 3.17 -7.20
C TYR B 231 -16.84 2.40 -6.47
N SER B 232 -17.24 1.28 -7.09
CA SER B 232 -18.28 0.43 -6.53
C SER B 232 -17.83 -1.02 -6.75
N VAL B 233 -18.77 -1.95 -6.61
CA VAL B 233 -18.50 -3.35 -6.96
C VAL B 233 -18.15 -3.48 -8.43
N GLN B 234 -18.48 -2.46 -9.23
CA GLN B 234 -18.06 -2.40 -10.62
C GLN B 234 -16.55 -2.62 -10.75
N SER B 235 -15.77 -2.00 -9.88
CA SER B 235 -14.33 -2.22 -9.87
C SER B 235 -13.99 -3.70 -9.73
N ASP B 236 -14.80 -4.43 -8.95
CA ASP B 236 -14.58 -5.87 -8.81
C ASP B 236 -14.92 -6.60 -10.11
N ILE B 237 -15.96 -6.16 -10.81
CA ILE B 237 -16.25 -6.72 -12.13
C ILE B 237 -15.03 -6.61 -13.03
N TRP B 238 -14.37 -5.45 -13.02
CA TRP B 238 -13.17 -5.29 -13.85
C TRP B 238 -12.09 -6.27 -13.43
N SER B 239 -11.83 -6.36 -12.13
CA SER B 239 -10.80 -7.25 -11.62
C SER B 239 -11.08 -8.68 -12.03
N MET B 240 -12.34 -9.10 -11.92
CA MET B 240 -12.71 -10.46 -12.32
C MET B 240 -12.44 -10.70 -13.80
N GLY B 241 -12.75 -9.70 -14.63
CA GLY B 241 -12.49 -9.84 -16.05
C GLY B 241 -11.02 -10.01 -16.37
N LEU B 242 -10.18 -9.17 -15.77
CA LEU B 242 -8.74 -9.28 -15.96
C LEU B 242 -8.23 -10.63 -15.47
N SER B 243 -8.76 -11.11 -14.34
CA SER B 243 -8.32 -12.40 -13.81
C SER B 243 -8.68 -13.54 -14.75
N LEU B 244 -9.88 -13.49 -15.34
CA LEU B 244 -10.30 -14.54 -16.26
C LEU B 244 -9.42 -14.59 -17.50
N VAL B 245 -9.00 -13.42 -18.01
CA VAL B 245 -8.07 -13.40 -19.13
C VAL B 245 -6.77 -14.09 -18.75
N GLU B 246 -6.20 -13.70 -17.60
CA GLU B 246 -4.92 -14.28 -17.18
C GLU B 246 -5.01 -15.80 -17.12
N MET B 247 -6.06 -16.32 -16.50
CA MET B 247 -6.20 -17.78 -16.37
C MET B 247 -6.50 -18.42 -17.72
N ALA B 248 -7.18 -17.71 -18.61
CA ALA B 248 -7.56 -18.31 -19.89
C ALA B 248 -6.35 -18.46 -20.82
N VAL B 249 -5.43 -17.49 -20.80
CA VAL B 249 -4.27 -17.53 -21.68
C VAL B 249 -2.97 -17.82 -20.95
N GLY B 250 -3.00 -17.93 -19.62
CA GLY B 250 -1.84 -18.33 -18.87
C GLY B 250 -0.86 -17.22 -18.57
N ARG B 251 -1.10 -16.00 -19.05
CA ARG B 251 -0.17 -14.89 -18.90
C ARG B 251 -0.93 -13.69 -18.39
N TYR B 252 -0.31 -12.92 -17.50
CA TYR B 252 -0.87 -11.66 -17.07
C TYR B 252 -1.09 -10.76 -18.29
N PRO B 253 -2.30 -10.25 -18.50
CA PRO B 253 -2.70 -9.83 -19.85
C PRO B 253 -2.21 -8.47 -20.30
N ILE B 254 -1.81 -7.58 -19.41
CA ILE B 254 -1.25 -6.31 -19.89
C ILE B 254 0.22 -6.17 -19.50
N PRO B 255 1.07 -5.69 -20.42
CA PRO B 255 0.65 -5.32 -21.77
C PRO B 255 0.32 -6.54 -22.64
N PRO B 256 -0.60 -6.40 -23.59
CA PRO B 256 -1.03 -7.54 -24.40
C PRO B 256 0.16 -8.28 -24.99
N PRO B 257 0.10 -9.61 -25.05
CA PRO B 257 1.24 -10.34 -25.61
C PRO B 257 1.50 -9.89 -27.04
N ASP B 258 2.77 -9.95 -27.41
CA ASP B 258 3.19 -9.61 -28.75
C ASP B 258 2.91 -10.80 -29.68
N ALA B 259 2.93 -10.48 -30.97
CA ALA B 259 2.46 -11.35 -32.04
C ALA B 259 3.16 -12.71 -31.99
N LYS B 260 4.47 -12.77 -31.68
CA LYS B 260 5.11 -14.08 -31.68
C LYS B 260 4.72 -14.90 -30.46
N GLU B 261 4.60 -14.23 -29.33
CA GLU B 261 4.17 -14.87 -28.10
C GLU B 261 2.75 -15.42 -28.16
N LEU B 262 1.86 -14.81 -28.96
CA LEU B 262 0.47 -15.29 -28.98
C LEU B 262 0.28 -16.69 -29.57
N GLU B 263 0.96 -17.04 -30.66
CA GLU B 263 0.73 -18.37 -31.22
C GLU B 263 1.34 -19.44 -30.33
N LEU B 264 2.52 -19.12 -29.78
CA LEU B 264 3.23 -20.01 -28.87
C LEU B 264 2.39 -20.38 -27.66
N MET B 265 1.70 -19.43 -27.11
CA MET B 265 0.89 -19.64 -25.91
C MET B 265 -0.26 -20.58 -26.34
N PRO B 298 9.71 -6.91 -18.20
CA PRO B 298 10.60 -5.80 -17.82
C PRO B 298 9.91 -4.45 -17.91
N MET B 299 9.01 -4.14 -16.97
CA MET B 299 8.25 -2.90 -17.01
C MET B 299 7.90 -2.49 -15.58
N ALA B 300 8.12 -1.22 -15.27
CA ALA B 300 7.87 -0.70 -13.92
C ALA B 300 6.39 -0.46 -13.70
N ILE B 301 6.03 -0.33 -12.42
CA ILE B 301 4.63 -0.38 -12.02
C ILE B 301 3.82 0.80 -12.57
N PHE B 302 4.44 1.98 -12.68
CA PHE B 302 3.65 3.13 -13.10
C PHE B 302 3.20 3.01 -14.56
N GLU B 303 4.10 2.55 -15.44
CA GLU B 303 3.72 2.40 -16.84
C GLU B 303 2.67 1.31 -17.01
N LEU B 304 2.66 0.34 -16.10
CA LEU B 304 1.55 -0.61 -16.05
C LEU B 304 0.25 0.12 -15.74
N LEU B 305 0.24 0.94 -14.69
CA LEU B 305 -0.96 1.68 -14.31
C LEU B 305 -1.38 2.66 -15.40
N ASP B 306 -0.42 3.34 -16.02
CA ASP B 306 -0.75 4.27 -17.09
C ASP B 306 -1.31 3.54 -18.30
N TYR B 307 -0.82 2.33 -18.57
CA TYR B 307 -1.44 1.48 -19.57
C TYR B 307 -2.90 1.19 -19.23
N ILE B 308 -3.15 0.71 -18.00
CA ILE B 308 -4.51 0.35 -17.62
C ILE B 308 -5.45 1.55 -17.82
N VAL B 309 -4.97 2.76 -17.54
CA VAL B 309 -5.86 3.91 -17.60
C VAL B 309 -5.96 4.50 -19.02
N ASN B 310 -4.90 4.41 -19.82
CA ASN B 310 -4.87 5.17 -21.07
C ASN B 310 -4.83 4.32 -22.34
N GLU B 311 -5.01 3.02 -22.24
CA GLU B 311 -4.93 2.15 -23.41
C GLU B 311 -6.13 1.22 -23.44
N PRO B 312 -6.43 0.62 -24.57
CA PRO B 312 -7.52 -0.36 -24.63
C PRO B 312 -7.31 -1.51 -23.66
N PRO B 313 -8.38 -2.18 -23.26
CA PRO B 313 -8.27 -3.29 -22.32
C PRO B 313 -7.90 -4.57 -23.03
N PRO B 314 -7.47 -5.60 -22.30
CA PRO B 314 -7.25 -6.90 -22.94
C PRO B 314 -8.53 -7.48 -23.51
N LYS B 315 -8.35 -8.44 -24.42
CA LYS B 315 -9.45 -9.22 -24.96
C LYS B 315 -8.93 -10.63 -25.22
N LEU B 316 -9.82 -11.60 -25.11
CA LEU B 316 -9.45 -12.97 -25.41
C LEU B 316 -9.19 -13.14 -26.91
N PRO B 317 -8.29 -14.06 -27.28
CA PRO B 317 -8.06 -14.32 -28.70
C PRO B 317 -9.29 -14.91 -29.37
N SER B 318 -9.56 -14.44 -30.58
CA SER B 318 -10.82 -14.74 -31.25
C SER B 318 -10.86 -16.16 -31.82
N ALA B 319 -9.70 -16.80 -31.97
CA ALA B 319 -9.66 -18.11 -32.60
C ALA B 319 -10.08 -19.24 -31.67
N VAL B 320 -10.00 -19.04 -30.35
CA VAL B 320 -9.93 -20.15 -29.41
C VAL B 320 -11.21 -20.30 -28.60
N PHE B 321 -11.81 -19.19 -28.16
CA PHE B 321 -12.97 -19.24 -27.29
C PHE B 321 -14.22 -18.71 -27.99
N SER B 322 -15.38 -19.17 -27.49
CA SER B 322 -16.68 -18.85 -28.06
C SER B 322 -16.96 -17.36 -27.96
N LEU B 323 -17.93 -16.91 -28.74
CA LEU B 323 -18.42 -15.55 -28.58
C LEU B 323 -18.85 -15.28 -27.15
N GLU B 324 -19.57 -16.24 -26.57
CA GLU B 324 -20.16 -16.04 -25.26
C GLU B 324 -19.09 -15.72 -24.22
N PHE B 325 -17.96 -16.43 -24.28
CA PHE B 325 -16.86 -16.14 -23.36
C PHE B 325 -16.21 -14.81 -23.71
N GLN B 326 -15.86 -14.63 -24.99
CA GLN B 326 -15.27 -13.38 -25.46
C GLN B 326 -16.13 -12.18 -25.07
N ASP B 327 -17.45 -12.31 -25.21
CA ASP B 327 -18.35 -11.20 -24.92
C ASP B 327 -18.46 -10.99 -23.42
N PHE B 328 -18.54 -12.09 -22.65
CA PHE B 328 -18.50 -11.99 -21.19
C PHE B 328 -17.33 -11.14 -20.72
N VAL B 329 -16.12 -11.48 -21.16
CA VAL B 329 -14.95 -10.74 -20.68
C VAL B 329 -14.94 -9.32 -21.23
N ASN B 330 -15.34 -9.14 -22.49
CA ASN B 330 -15.42 -7.79 -23.06
C ASN B 330 -16.34 -6.90 -22.25
N LYS B 331 -17.43 -7.45 -21.73
CA LYS B 331 -18.33 -6.65 -20.91
C LYS B 331 -17.78 -6.39 -19.51
N CYS B 332 -17.00 -7.31 -18.96
CA CYS B 332 -16.37 -7.07 -17.67
C CYS B 332 -15.29 -6.00 -17.74
N LEU B 333 -14.70 -5.80 -18.91
CA LEU B 333 -13.48 -5.00 -19.03
C LEU B 333 -13.73 -3.64 -19.66
N ILE B 334 -14.98 -3.19 -19.73
CA ILE B 334 -15.26 -1.85 -20.24
C ILE B 334 -14.71 -0.83 -19.25
N LYS B 335 -14.01 0.19 -19.76
CA LYS B 335 -13.35 1.14 -18.88
C LYS B 335 -14.35 1.96 -18.08
N ASN B 336 -15.43 2.40 -18.70
CA ASN B 336 -16.44 3.17 -18.00
C ASN B 336 -17.28 2.25 -17.13
N PRO B 337 -17.21 2.38 -15.79
CA PRO B 337 -17.98 1.47 -14.93
C PRO B 337 -19.48 1.60 -15.08
N ALA B 338 -19.99 2.73 -15.59
CA ALA B 338 -21.41 2.86 -15.86
C ALA B 338 -21.89 1.89 -16.92
N GLU B 339 -21.07 1.66 -17.95
CA GLU B 339 -21.46 0.79 -19.06
C GLU B 339 -21.01 -0.64 -18.85
N ARG B 340 -20.04 -0.84 -17.95
CA ARG B 340 -19.69 -2.18 -17.53
C ARG B 340 -20.92 -2.88 -16.96
N ALA B 341 -21.03 -4.18 -17.22
CA ALA B 341 -22.15 -4.95 -16.69
C ALA B 341 -22.12 -4.94 -15.17
N ASP B 342 -23.31 -4.90 -14.56
CA ASP B 342 -23.38 -5.09 -13.11
C ASP B 342 -23.57 -6.57 -12.84
N LEU B 343 -23.90 -6.93 -11.61
CA LEU B 343 -23.95 -8.35 -11.27
C LEU B 343 -25.26 -8.97 -11.71
N LYS B 344 -26.36 -8.22 -11.57
CA LYS B 344 -27.64 -8.66 -12.10
C LYS B 344 -27.54 -9.03 -13.59
N GLN B 345 -26.88 -8.17 -14.37
CA GLN B 345 -26.75 -8.40 -15.81
C GLN B 345 -25.82 -9.56 -16.11
N LEU B 346 -24.70 -9.69 -15.36
CA LEU B 346 -23.76 -10.77 -15.62
C LEU B 346 -24.37 -12.13 -15.29
N MET B 347 -25.27 -12.17 -14.32
CA MET B 347 -25.85 -13.44 -13.91
C MET B 347 -26.71 -14.05 -15.00
N VAL B 348 -27.31 -13.23 -15.87
CA VAL B 348 -28.17 -13.73 -16.92
C VAL B 348 -27.49 -13.70 -18.30
N HIS B 349 -26.17 -13.59 -18.32
CA HIS B 349 -25.45 -13.55 -19.59
C HIS B 349 -25.38 -14.95 -20.20
N ALA B 350 -25.29 -14.99 -21.53
CA ALA B 350 -25.32 -16.26 -22.26
C ALA B 350 -24.27 -17.23 -21.73
N PHE B 351 -23.02 -16.77 -21.58
CA PHE B 351 -21.95 -17.61 -21.07
C PHE B 351 -22.30 -18.22 -19.72
N ILE B 352 -23.00 -17.46 -18.87
CA ILE B 352 -23.36 -17.96 -17.55
C ILE B 352 -24.45 -19.03 -17.68
N LYS B 353 -25.53 -18.71 -18.39
CA LYS B 353 -26.60 -19.69 -18.59
C LYS B 353 -26.07 -20.99 -19.17
N ARG B 354 -25.10 -20.90 -20.09
CA ARG B 354 -24.47 -22.10 -20.64
C ARG B 354 -23.77 -22.90 -19.55
N SER B 355 -22.78 -22.30 -18.89
CA SER B 355 -21.92 -23.05 -17.98
C SER B 355 -22.69 -23.54 -16.76
N ASP B 356 -23.69 -22.77 -16.31
CA ASP B 356 -24.47 -23.20 -15.15
C ASP B 356 -25.21 -24.50 -15.45
N ALA B 357 -25.72 -24.64 -16.67
CA ALA B 357 -26.46 -25.83 -17.07
C ALA B 357 -25.57 -26.93 -17.64
N GLU B 358 -24.26 -26.71 -17.70
CA GLU B 358 -23.36 -27.73 -18.23
C GLU B 358 -23.09 -28.79 -17.17
N GLU B 359 -22.31 -29.80 -17.57
CA GLU B 359 -21.92 -30.90 -16.69
C GLU B 359 -20.41 -31.01 -16.72
N VAL B 360 -19.73 -30.37 -15.77
CA VAL B 360 -18.30 -30.56 -15.58
C VAL B 360 -18.10 -31.13 -14.17
N ASP B 361 -17.24 -32.12 -14.07
CA ASP B 361 -16.79 -32.65 -12.79
C ASP B 361 -15.54 -31.89 -12.37
N PHE B 362 -15.72 -30.92 -11.47
CA PHE B 362 -14.60 -30.06 -11.09
C PHE B 362 -13.58 -30.83 -10.26
N ALA B 363 -14.03 -31.49 -9.19
CA ALA B 363 -13.12 -32.20 -8.31
C ALA B 363 -12.17 -33.11 -9.10
N GLY B 364 -12.69 -33.80 -10.11
CA GLY B 364 -11.84 -34.67 -10.91
C GLY B 364 -10.74 -33.93 -11.64
N TRP B 365 -11.12 -32.86 -12.38
CA TRP B 365 -10.14 -32.05 -13.08
C TRP B 365 -9.09 -31.49 -12.13
N LEU B 366 -9.52 -31.01 -10.96
CA LEU B 366 -8.60 -30.39 -10.01
C LEU B 366 -7.56 -31.38 -9.51
N CYS B 367 -8.00 -32.54 -9.01
CA CYS B 367 -7.05 -33.48 -8.40
C CYS B 367 -6.16 -34.14 -9.43
N SER B 368 -6.63 -34.30 -10.67
CA SER B 368 -5.73 -34.77 -11.71
C SER B 368 -4.85 -33.66 -12.26
N THR B 369 -5.19 -32.39 -12.01
CA THR B 369 -4.30 -31.30 -12.39
C THR B 369 -3.10 -31.19 -11.45
N ILE B 370 -3.35 -31.30 -10.14
CA ILE B 370 -2.33 -31.04 -9.14
C ILE B 370 -1.85 -32.30 -8.40
N GLY B 371 -2.62 -33.38 -8.39
CA GLY B 371 -2.22 -34.56 -7.66
C GLY B 371 -2.70 -34.74 -6.23
N LEU B 372 -4.00 -34.61 -5.98
CA LEU B 372 -4.58 -34.89 -4.68
C LEU B 372 -5.50 -36.11 -4.79
N ASN B 373 -6.23 -36.39 -3.70
CA ASN B 373 -7.21 -37.49 -3.66
C ASN B 373 -8.23 -37.25 -2.57
#